data_5EP6
#
_entry.id   5EP6
#
_cell.length_a   41.360
_cell.length_b   50.113
_cell.length_c   84.416
_cell.angle_alpha   90.00
_cell.angle_beta   90.00
_cell.angle_gamma   90.00
#
_symmetry.space_group_name_H-M   'P 21 21 21'
#
loop_
_entity.id
_entity.type
_entity.pdbx_description
1 polymer '5-azacytidine-induced protein 2'
2 polymer 'Serine/threonine-protein kinase TBK1'
3 non-polymer GLYCEROL
4 water water
#
loop_
_entity_poly.entity_id
_entity_poly.type
_entity_poly.pdbx_seq_one_letter_code
_entity_poly.pdbx_strand_id
1 'polypeptide(L)' SSDNMQHAYWELKREMSNLHLVTQVQAELLRKLKTSTAIKKENLYFQ A,C
2 'polypeptide(L)' SGSGSYPSSNTLVEMTLGMKKLKEEMEGVVKELAENNHILERFGSLTMDGGLRNVDCL B,D
#
# COMPACT_ATOMS: atom_id res chain seq x y z
N SER A 1 -11.10 25.50 -4.85
CA SER A 1 -11.00 26.39 -3.68
C SER A 1 -10.49 25.64 -2.46
N SER A 2 -10.92 26.09 -1.29
CA SER A 2 -10.64 25.37 -0.05
C SER A 2 -11.44 24.07 -0.07
N ASP A 3 -12.56 24.09 -0.77
CA ASP A 3 -13.44 22.92 -0.87
C ASP A 3 -12.75 21.79 -1.63
N ASN A 4 -12.08 22.12 -2.73
CA ASN A 4 -11.45 21.11 -3.56
C ASN A 4 -10.29 20.42 -2.87
N MET A 5 -9.66 21.12 -1.91
CA MET A 5 -8.66 20.48 -1.08
C MET A 5 -9.33 19.45 -0.15
N GLN A 6 -10.47 19.82 0.43
CA GLN A 6 -11.21 18.89 1.28
C GLN A 6 -11.65 17.66 0.49
N HIS A 7 -11.99 17.85 -0.77
CA HIS A 7 -12.40 16.73 -1.61
CA HIS A 7 -12.39 16.73 -1.62
C HIS A 7 -11.20 15.83 -1.92
N ALA A 8 -10.05 16.41 -2.23
CA ALA A 8 -8.86 15.62 -2.52
C ALA A 8 -8.45 14.84 -1.28
N TYR A 9 -8.56 15.48 -0.13
CA TYR A 9 -8.25 14.85 1.14
C TYR A 9 -9.17 13.67 1.41
N TRP A 10 -10.47 13.86 1.21
CA TRP A 10 -11.44 12.80 1.42
CA TRP A 10 -11.44 12.81 1.42
C TRP A 10 -11.14 11.61 0.52
N GLU A 11 -10.85 11.88 -0.76
CA GLU A 11 -10.58 10.81 -1.71
C GLU A 11 -9.31 10.05 -1.34
N LEU A 12 -8.33 10.77 -0.81
CA LEU A 12 -7.09 10.14 -0.35
C LEU A 12 -7.34 9.20 0.83
N LYS A 13 -8.13 9.67 1.82
CA LYS A 13 -8.50 8.82 2.94
C LYS A 13 -9.28 7.60 2.45
N ARG A 14 -10.16 7.81 1.47
CA ARG A 14 -10.98 6.75 0.91
C ARG A 14 -10.09 5.66 0.29
N GLU A 15 -9.05 6.08 -0.43
CA GLU A 15 -8.13 5.13 -1.06
C GLU A 15 -7.31 4.38 -0.02
N MET A 16 -6.95 5.05 1.07
CA MET A 16 -6.24 4.38 2.16
CA MET A 16 -6.25 4.36 2.15
C MET A 16 -7.06 3.20 2.71
N SER A 17 -8.37 3.37 2.80
CA SER A 17 -9.24 2.28 3.25
CA SER A 17 -9.20 2.26 3.27
C SER A 17 -9.17 1.11 2.27
N ASN A 18 -9.08 1.41 0.97
CA ASN A 18 -8.91 0.34 -0.02
C ASN A 18 -7.59 -0.38 0.14
N LEU A 19 -6.56 0.36 0.51
CA LEU A 19 -5.24 -0.21 0.74
C LEU A 19 -5.24 -1.10 1.98
N HIS A 20 -5.86 -0.65 3.07
CA HIS A 20 -6.02 -1.48 4.26
C HIS A 20 -6.73 -2.77 3.88
N LEU A 21 -7.78 -2.64 3.07
CA LEU A 21 -8.58 -3.82 2.74
C LEU A 21 -7.81 -4.85 1.90
N VAL A 22 -7.13 -4.41 0.86
CA VAL A 22 -6.42 -5.36 0.02
C VAL A 22 -5.30 -6.05 0.81
N THR A 23 -4.73 -5.33 1.77
CA THR A 23 -3.70 -5.89 2.65
C THR A 23 -4.30 -6.93 3.60
N GLN A 24 -5.50 -6.66 4.10
CA GLN A 24 -6.16 -7.63 4.95
C GLN A 24 -6.61 -8.85 4.18
N VAL A 25 -7.01 -8.66 2.92
CA VAL A 25 -7.33 -9.80 2.06
C VAL A 25 -6.06 -10.66 1.87
N GLN A 26 -4.93 -10.02 1.64
CA GLN A 26 -3.68 -10.77 1.48
C GLN A 26 -3.32 -11.55 2.74
N ALA A 27 -3.51 -10.95 3.92
CA ALA A 27 -3.26 -11.64 5.18
C ALA A 27 -4.14 -12.88 5.31
N GLU A 28 -5.41 -12.72 4.98
CA GLU A 28 -6.36 -13.82 5.06
C GLU A 28 -5.97 -14.92 4.07
N LEU A 29 -5.57 -14.50 2.88
CA LEU A 29 -5.21 -15.44 1.82
C LEU A 29 -4.02 -16.30 2.23
N LEU A 30 -3.01 -15.68 2.82
CA LEU A 30 -1.87 -16.44 3.33
C LEU A 30 -2.29 -17.48 4.36
N ARG A 31 -3.30 -17.14 5.16
N ARG A 31 -3.30 -17.16 5.16
CA ARG A 31 -3.82 -18.06 6.16
CA ARG A 31 -3.78 -18.12 6.16
C ARG A 31 -4.55 -19.24 5.54
C ARG A 31 -4.56 -19.26 5.54
N LYS A 32 -5.05 -19.05 4.31
CA LYS A 32 -5.90 -20.04 3.67
C LYS A 32 -5.22 -20.87 2.58
N LEU A 33 -3.95 -20.59 2.31
CA LEU A 33 -3.22 -21.33 1.29
C LEU A 33 -3.01 -22.78 1.69
N LYS A 34 -3.01 -23.65 0.69
CA LYS A 34 -2.58 -25.03 0.91
C LYS A 34 -1.18 -25.06 1.52
N THR A 35 -0.91 -26.11 2.29
CA THR A 35 0.43 -26.32 2.82
C THR A 35 0.89 -27.72 2.45
N SER A 36 2.18 -27.97 2.56
CA SER A 36 2.71 -29.29 2.32
C SER A 36 4.09 -29.44 2.96
N SER B 1 0.08 29.88 8.11
CA SER B 1 1.21 29.07 7.68
C SER B 1 0.77 27.79 6.97
N SER B 2 1.63 27.27 6.11
CA SER B 2 1.37 26.03 5.40
C SER B 2 2.52 25.08 5.65
N ASP B 3 3.43 25.48 6.53
CA ASP B 3 4.66 24.75 6.74
C ASP B 3 4.42 23.36 7.31
N ASN B 4 3.57 23.26 8.32
CA ASN B 4 3.26 21.96 8.91
C ASN B 4 2.66 21.02 7.85
N MET B 5 1.80 21.58 7.02
CA MET B 5 1.17 20.79 5.98
C MET B 5 2.18 20.33 4.93
N GLN B 6 3.11 21.20 4.58
CA GLN B 6 4.16 20.89 3.61
C GLN B 6 5.01 19.73 4.10
N HIS B 7 5.36 19.75 5.39
N HIS B 7 5.35 19.75 5.39
CA HIS B 7 6.17 18.68 5.96
CA HIS B 7 6.16 18.70 6.00
C HIS B 7 5.40 17.37 6.08
C HIS B 7 5.40 17.38 6.09
N ALA B 8 4.12 17.46 6.45
CA ALA B 8 3.29 16.26 6.53
C ALA B 8 3.16 15.64 5.14
N TYR B 9 2.99 16.48 4.13
CA TYR B 9 2.93 15.99 2.75
C TYR B 9 4.23 15.31 2.35
N TRP B 10 5.36 15.95 2.68
CA TRP B 10 6.67 15.38 2.36
C TRP B 10 6.82 13.99 2.97
N GLU B 11 6.47 13.86 4.24
CA GLU B 11 6.60 12.57 4.91
CA GLU B 11 6.55 12.58 4.95
C GLU B 11 5.65 11.52 4.33
N LEU B 12 4.46 11.93 3.92
CA LEU B 12 3.50 10.98 3.33
C LEU B 12 3.99 10.51 1.97
N LYS B 13 4.52 11.45 1.19
CA LYS B 13 5.07 11.13 -0.13
C LYS B 13 6.26 10.17 0.03
N ARG B 14 7.07 10.40 1.06
CA ARG B 14 8.21 9.52 1.32
C ARG B 14 7.73 8.11 1.65
N GLU B 15 6.67 8.02 2.45
CA GLU B 15 6.13 6.70 2.80
C GLU B 15 5.51 6.02 1.58
N MET B 16 4.94 6.79 0.66
CA MET B 16 4.43 6.24 -0.59
CA MET B 16 4.42 6.23 -0.59
C MET B 16 5.54 5.57 -1.39
N SER B 17 6.72 6.17 -1.40
CA SER B 17 7.87 5.54 -2.07
CA SER B 17 7.85 5.53 -2.08
C SER B 17 8.20 4.19 -1.42
N ASN B 18 8.10 4.13 -0.10
CA ASN B 18 8.33 2.86 0.61
C ASN B 18 7.27 1.83 0.22
N LEU B 19 6.04 2.29 0.06
CA LEU B 19 4.94 1.39 -0.31
C LEU B 19 5.14 0.86 -1.72
N HIS B 20 5.55 1.73 -2.64
CA HIS B 20 5.86 1.34 -4.01
CA HIS B 20 5.83 1.31 -3.99
C HIS B 20 6.93 0.26 -3.99
N LEU B 21 7.95 0.49 -3.16
CA LEU B 21 9.08 -0.43 -3.10
C LEU B 21 8.70 -1.80 -2.55
N VAL B 22 7.94 -1.85 -1.46
CA VAL B 22 7.57 -3.16 -0.92
CA VAL B 22 7.58 -3.15 -0.92
C VAL B 22 6.69 -3.94 -1.88
N THR B 23 5.88 -3.22 -2.63
N THR B 23 5.88 -3.26 -2.67
CA THR B 23 5.02 -3.83 -3.63
CA THR B 23 5.03 -3.95 -3.65
C THR B 23 5.84 -4.39 -4.79
C THR B 23 5.86 -4.44 -4.84
N GLN B 24 6.85 -3.66 -5.23
CA GLN B 24 7.69 -4.14 -6.31
CA GLN B 24 7.78 -4.06 -6.29
C GLN B 24 8.56 -5.30 -5.85
N VAL B 25 8.95 -5.30 -4.59
CA VAL B 25 9.68 -6.44 -4.03
C VAL B 25 8.78 -7.67 -4.07
N GLN B 26 7.52 -7.48 -3.72
CA GLN B 26 6.56 -8.60 -3.77
C GLN B 26 6.34 -9.10 -5.19
N ALA B 27 6.21 -8.19 -6.16
CA ALA B 27 6.04 -8.55 -7.56
C ALA B 27 7.21 -9.41 -8.03
N GLU B 28 8.42 -8.97 -7.71
CA GLU B 28 9.64 -9.66 -8.09
C GLU B 28 9.70 -11.04 -7.45
N LEU B 29 9.35 -11.09 -6.18
CA LEU B 29 9.39 -12.32 -5.41
CA LEU B 29 9.37 -12.32 -5.40
C LEU B 29 8.46 -13.36 -6.06
N LEU B 30 7.25 -12.94 -6.43
CA LEU B 30 6.30 -13.85 -7.06
C LEU B 30 6.79 -14.29 -8.44
N ARG B 31 7.69 -13.53 -9.04
CA ARG B 31 8.28 -13.94 -10.32
C ARG B 31 9.43 -14.93 -10.10
N LYS B 32 10.19 -14.73 -9.03
CA LYS B 32 11.32 -15.61 -8.73
C LYS B 32 10.85 -16.93 -8.16
N LEU B 33 9.60 -16.94 -7.70
CA LEU B 33 8.94 -18.18 -7.34
C LEU B 33 8.51 -18.91 -8.61
N LYS B 34 8.78 -18.30 -9.77
CA LYS B 34 8.61 -18.97 -11.06
C LYS B 34 9.94 -19.36 -11.71
N THR B 35 11.04 -19.22 -10.97
CA THR B 35 12.36 -19.53 -11.53
C THR B 35 12.55 -21.02 -11.80
N SER C 8 -2.12 30.03 1.99
CA SER C 8 -0.83 29.99 1.30
C SER C 8 -1.02 29.43 -0.12
N SER C 9 -1.86 30.10 -0.89
CA SER C 9 -2.43 29.57 -2.14
C SER C 9 -1.52 28.87 -3.15
N ASN C 10 -0.24 29.25 -3.23
CA ASN C 10 0.66 28.55 -4.16
C ASN C 10 1.12 27.21 -3.59
N THR C 11 1.33 27.19 -2.27
CA THR C 11 1.72 25.97 -1.58
C THR C 11 0.49 25.07 -1.41
N LEU C 12 -0.68 25.69 -1.30
CA LEU C 12 -1.93 24.94 -1.15
C LEU C 12 -2.41 24.27 -2.44
N VAL C 13 -2.23 24.94 -3.58
CA VAL C 13 -2.60 24.34 -4.85
C VAL C 13 -1.78 23.06 -5.04
N GLU C 14 -0.50 23.14 -4.71
CA GLU C 14 0.37 21.97 -4.81
C GLU C 14 0.03 20.89 -3.78
N MET C 15 -0.56 21.29 -2.65
CA MET C 15 -1.04 20.32 -1.68
C MET C 15 -2.22 19.54 -2.24
N THR C 16 -3.16 20.26 -2.85
CA THR C 16 -4.32 19.64 -3.50
C THR C 16 -3.89 18.67 -4.60
N LEU C 17 -3.03 19.13 -5.49
CA LEU C 17 -2.54 18.30 -6.59
C LEU C 17 -1.68 17.15 -6.04
N GLY C 18 -0.98 17.41 -4.94
CA GLY C 18 -0.16 16.39 -4.29
C GLY C 18 -1.02 15.27 -3.75
N MET C 19 -2.13 15.64 -3.13
CA MET C 19 -3.06 14.65 -2.59
C MET C 19 -3.73 13.85 -3.70
N LYS C 20 -3.98 14.50 -4.83
CA LYS C 20 -4.56 13.83 -5.98
CA LYS C 20 -4.55 13.86 -6.01
C LYS C 20 -3.58 12.81 -6.55
N LYS C 21 -2.32 13.20 -6.68
CA LYS C 21 -1.31 12.28 -7.19
C LYS C 21 -1.09 11.10 -6.24
N LEU C 22 -1.04 11.36 -4.93
CA LEU C 22 -0.88 10.26 -3.97
C LEU C 22 -2.03 9.26 -4.09
N LYS C 23 -3.25 9.76 -4.28
CA LYS C 23 -4.41 8.89 -4.41
CA LYS C 23 -4.40 8.87 -4.40
C LYS C 23 -4.26 7.99 -5.63
N GLU C 24 -3.83 8.57 -6.74
CA GLU C 24 -3.66 7.81 -7.98
C GLU C 24 -2.57 6.76 -7.83
N GLU C 25 -1.47 7.12 -7.18
N GLU C 25 -1.47 7.12 -7.19
CA GLU C 25 -0.41 6.15 -6.94
CA GLU C 25 -0.41 6.15 -6.96
C GLU C 25 -0.89 5.01 -6.05
C GLU C 25 -0.90 5.02 -6.07
N MET C 26 -1.65 5.36 -5.03
CA MET C 26 -2.20 4.37 -4.11
CA MET C 26 -2.16 4.35 -4.12
C MET C 26 -3.13 3.40 -4.85
N GLU C 27 -3.92 3.95 -5.76
CA GLU C 27 -4.81 3.15 -6.60
CA GLU C 27 -4.81 3.16 -6.58
C GLU C 27 -4.02 2.11 -7.37
N GLY C 28 -2.88 2.53 -7.92
CA GLY C 28 -2.03 1.66 -8.70
C GLY C 28 -1.46 0.55 -7.85
N VAL C 29 -1.07 0.88 -6.62
CA VAL C 29 -0.54 -0.13 -5.71
C VAL C 29 -1.63 -1.13 -5.34
N VAL C 30 -2.83 -0.65 -5.05
CA VAL C 30 -3.93 -1.53 -4.70
C VAL C 30 -4.20 -2.52 -5.82
N LYS C 31 -4.18 -2.05 -7.06
CA LYS C 31 -4.44 -2.87 -8.23
C LYS C 31 -3.36 -3.96 -8.34
N GLU C 32 -2.11 -3.59 -8.12
N GLU C 32 -2.11 -3.58 -8.13
CA GLU C 32 -1.05 -4.57 -8.22
CA GLU C 32 -0.99 -4.51 -8.18
C GLU C 32 -1.08 -5.58 -7.08
C GLU C 32 -1.10 -5.58 -7.09
N LEU C 33 -1.42 -5.14 -5.87
CA LEU C 33 -1.55 -6.06 -4.75
C LEU C 33 -2.69 -7.04 -4.98
N ALA C 34 -3.76 -6.58 -5.61
CA ALA C 34 -4.88 -7.47 -5.93
C ALA C 34 -4.46 -8.49 -6.98
N GLU C 35 -3.62 -8.08 -7.92
CA GLU C 35 -3.13 -9.03 -8.93
C GLU C 35 -2.22 -10.07 -8.27
N ASN C 36 -1.43 -9.62 -7.29
CA ASN C 36 -0.59 -10.56 -6.54
C ASN C 36 -1.45 -11.55 -5.78
N ASN C 37 -2.53 -11.05 -5.19
CA ASN C 37 -3.46 -11.90 -4.45
C ASN C 37 -4.09 -12.94 -5.33
N HIS C 38 -4.40 -12.57 -6.58
CA HIS C 38 -4.99 -13.51 -7.53
C HIS C 38 -4.03 -14.65 -7.86
N ILE C 39 -2.76 -14.33 -8.04
CA ILE C 39 -1.73 -15.35 -8.28
C ILE C 39 -1.67 -16.30 -7.08
N LEU C 40 -1.69 -15.74 -5.88
CA LEU C 40 -1.57 -16.56 -4.67
C LEU C 40 -2.78 -17.44 -4.48
N GLU C 41 -3.97 -16.89 -4.73
CA GLU C 41 -5.24 -17.61 -4.61
CA GLU C 41 -5.19 -17.66 -4.53
C GLU C 41 -5.29 -18.85 -5.50
N ARG C 42 -4.71 -18.73 -6.69
CA ARG C 42 -4.73 -19.84 -7.64
C ARG C 42 -3.57 -20.81 -7.47
N PHE C 43 -2.40 -20.30 -7.10
CA PHE C 43 -1.18 -21.11 -7.23
C PHE C 43 -0.31 -21.20 -5.98
N GLY C 44 -0.66 -20.43 -4.95
CA GLY C 44 0.24 -20.34 -3.82
C GLY C 44 0.15 -21.50 -2.83
N SER C 45 1.26 -21.80 -2.17
N SER C 45 1.28 -21.80 -2.20
CA SER C 45 1.25 -22.69 -1.02
CA SER C 45 1.34 -22.73 -1.08
C SER C 45 2.38 -22.30 -0.09
C SER C 45 2.37 -22.26 -0.08
N LEU C 46 2.30 -22.78 1.13
CA LEU C 46 3.35 -22.56 2.12
C LEU C 46 3.91 -23.92 2.48
N THR C 47 5.22 -24.04 2.45
CA THR C 47 5.84 -25.33 2.69
C THR C 47 7.13 -25.12 3.47
N MET C 48 7.41 -26.07 4.36
CA MET C 48 8.57 -26.03 5.23
C MET C 48 9.82 -25.79 4.41
N ASP C 49 9.89 -26.43 3.25
CA ASP C 49 11.00 -26.22 2.32
C ASP C 49 10.56 -25.65 0.97
N GLY C 50 9.70 -24.65 1.02
CA GLY C 50 9.42 -23.81 -0.13
C GLY C 50 10.36 -22.62 -0.10
N GLY C 51 9.92 -21.50 -0.65
CA GLY C 51 10.72 -20.28 -0.62
C GLY C 51 11.66 -20.12 -1.80
N LEU C 52 12.64 -19.22 -1.68
CA LEU C 52 13.64 -19.05 -2.73
C LEU C 52 14.55 -20.26 -2.86
N ARG C 53 14.34 -21.03 -3.92
CA ARG C 53 15.24 -22.12 -4.26
C ARG C 53 15.77 -21.92 -5.68
N SER D 8 -10.14 27.23 6.15
CA SER D 8 -9.84 27.93 7.39
C SER D 8 -8.56 27.38 8.00
N SER D 9 -8.12 27.98 9.09
CA SER D 9 -6.98 27.46 9.84
C SER D 9 -7.37 26.09 10.41
N ASN D 10 -8.67 25.94 10.63
CA ASN D 10 -9.26 24.70 11.11
C ASN D 10 -9.02 23.53 10.16
N THR D 11 -9.41 23.73 8.90
CA THR D 11 -9.28 22.69 7.89
C THR D 11 -7.80 22.38 7.64
N LEU D 12 -6.96 23.40 7.68
CA LEU D 12 -5.52 23.20 7.52
C LEU D 12 -4.95 22.32 8.62
N VAL D 13 -5.36 22.56 9.86
CA VAL D 13 -4.93 21.70 10.96
C VAL D 13 -5.46 20.29 10.78
N GLU D 14 -6.74 20.15 10.44
CA GLU D 14 -7.35 18.83 10.29
C GLU D 14 -6.60 18.02 9.24
N MET D 15 -6.19 18.67 8.17
CA MET D 15 -5.53 17.94 7.11
C MET D 15 -4.06 17.67 7.37
N THR D 16 -3.43 18.52 8.17
CA THR D 16 -2.08 18.25 8.62
C THR D 16 -2.12 17.02 9.51
N LEU D 17 -3.03 17.01 10.48
CA LEU D 17 -3.22 15.86 11.35
C LEU D 17 -3.62 14.62 10.54
N GLY D 18 -4.47 14.83 9.54
CA GLY D 18 -4.93 13.74 8.70
C GLY D 18 -3.82 13.11 7.88
N MET D 19 -2.94 13.94 7.33
CA MET D 19 -1.80 13.42 6.58
C MET D 19 -0.79 12.72 7.47
N LYS D 20 -0.65 13.21 8.70
CA LYS D 20 0.23 12.53 9.66
C LYS D 20 -0.33 11.15 9.99
N LYS D 21 -1.65 11.08 10.16
CA LYS D 21 -2.31 9.81 10.44
C LYS D 21 -2.19 8.85 9.27
N LEU D 22 -2.36 9.37 8.06
CA LEU D 22 -2.22 8.56 6.85
C LEU D 22 -0.82 7.99 6.76
N LYS D 23 0.18 8.78 7.10
CA LYS D 23 1.56 8.30 7.04
C LYS D 23 1.77 7.15 8.01
N GLU D 24 1.21 7.29 9.22
CA GLU D 24 1.35 6.23 10.22
C GLU D 24 0.65 4.97 9.74
N GLU D 25 -0.53 5.13 9.15
CA GLU D 25 -1.28 3.98 8.63
CA GLU D 25 -1.25 3.96 8.66
C GLU D 25 -0.51 3.30 7.51
N MET D 26 0.05 4.11 6.62
CA MET D 26 0.79 3.56 5.50
CA MET D 26 0.83 3.61 5.49
C MET D 26 2.04 2.84 5.97
N GLU D 27 2.69 3.35 7.00
CA GLU D 27 3.83 2.71 7.64
CA GLU D 27 3.84 2.70 7.59
C GLU D 27 3.46 1.32 8.11
N GLY D 28 2.28 1.21 8.72
CA GLY D 28 1.79 -0.07 9.21
C GLY D 28 1.53 -1.05 8.08
N VAL D 29 0.96 -0.56 6.99
CA VAL D 29 0.74 -1.39 5.79
C VAL D 29 2.06 -1.88 5.20
N VAL D 30 3.03 -0.99 5.05
CA VAL D 30 4.34 -1.36 4.52
C VAL D 30 4.98 -2.45 5.40
N LYS D 31 4.90 -2.29 6.71
CA LYS D 31 5.45 -3.27 7.64
C LYS D 31 4.77 -4.62 7.47
N GLU D 32 3.45 -4.62 7.31
CA GLU D 32 2.73 -5.86 7.16
C GLU D 32 3.04 -6.53 5.83
N LEU D 33 3.11 -5.75 4.76
CA LEU D 33 3.46 -6.30 3.47
C LEU D 33 4.87 -6.87 3.45
N ALA D 34 5.80 -6.22 4.17
CA ALA D 34 7.18 -6.70 4.24
C ALA D 34 7.20 -8.02 4.99
N GLU D 35 6.36 -8.15 6.01
CA GLU D 35 6.25 -9.40 6.76
CA GLU D 35 6.32 -9.41 6.73
C GLU D 35 5.76 -10.52 5.85
N ASN D 36 4.77 -10.18 5.02
CA ASN D 36 4.22 -11.13 4.06
C ASN D 36 5.28 -11.56 3.06
N ASN D 37 6.09 -10.61 2.60
CA ASN D 37 7.18 -10.91 1.68
C ASN D 37 8.17 -11.88 2.32
N HIS D 38 8.44 -11.68 3.60
CA HIS D 38 9.35 -12.56 4.32
C HIS D 38 8.76 -13.98 4.39
N ILE D 39 7.46 -14.09 4.69
CA ILE D 39 6.79 -15.40 4.71
C ILE D 39 6.92 -16.07 3.34
N LEU D 40 6.67 -15.31 2.29
CA LEU D 40 6.72 -15.86 0.93
C LEU D 40 8.13 -16.26 0.52
N GLU D 41 9.11 -15.44 0.89
CA GLU D 41 10.49 -15.72 0.52
C GLU D 41 10.99 -16.99 1.21
N ARG D 42 10.55 -17.23 2.44
CA ARG D 42 11.01 -18.40 3.19
C ARG D 42 10.20 -19.67 2.91
N PHE D 43 8.89 -19.53 2.74
CA PHE D 43 8.00 -20.68 2.70
C PHE D 43 7.10 -20.77 1.47
N GLY D 44 7.13 -19.73 0.63
CA GLY D 44 6.22 -19.66 -0.49
C GLY D 44 6.58 -20.56 -1.66
N SER D 45 5.54 -21.03 -2.33
CA SER D 45 5.66 -21.83 -3.53
CA SER D 45 5.67 -21.82 -3.54
C SER D 45 4.55 -21.42 -4.50
N LEU D 46 4.84 -21.47 -5.80
CA LEU D 46 3.79 -21.29 -6.80
C LEU D 46 3.77 -22.54 -7.68
N THR D 47 2.63 -23.21 -7.72
CA THR D 47 2.52 -24.47 -8.49
C THR D 47 1.12 -24.59 -9.04
N MET D 48 0.97 -25.39 -10.10
CA MET D 48 -0.35 -25.61 -10.69
C MET D 48 -1.34 -26.16 -9.69
N ASP D 49 -0.87 -26.97 -8.74
CA ASP D 49 -1.74 -27.61 -7.77
C ASP D 49 -1.82 -26.87 -6.43
N GLY D 50 -1.43 -25.60 -6.44
CA GLY D 50 -1.49 -24.77 -5.24
C GLY D 50 -2.83 -24.08 -5.09
N GLY D 51 -2.84 -22.97 -4.36
CA GLY D 51 -4.03 -22.17 -4.19
C GLY D 51 -4.74 -22.38 -2.85
N LEU D 52 -5.98 -21.94 -2.79
CA LEU D 52 -6.83 -22.08 -1.60
C LEU D 52 -7.01 -23.53 -1.17
N ARG D 53 -6.96 -23.77 0.15
CA ARG D 53 -7.33 -25.09 0.67
C ARG D 53 -8.84 -25.20 0.90
#